data_5RZ1
#
_entry.id   5RZ1
#
_cell.length_a   38.580
_cell.length_b   77.220
_cell.length_c   99.710
_cell.angle_alpha   90.000
_cell.angle_beta   90.000
_cell.angle_gamma   90.000
#
_symmetry.space_group_name_H-M   'P 21 21 21'
#
loop_
_entity.id
_entity.type
_entity.pdbx_description
1 polymer 'Isoform 2 of Band 4.1-like protein 3'
2 non-polymer N-(4-sulfamoylphenyl)propanamide
3 non-polymer 'DIMETHYL SULFOXIDE'
4 non-polymer 1,2-ETHANEDIOL
5 water water
#
_entity_poly.entity_id   1
_entity_poly.type   'polypeptide(L)'
_entity_poly.pdbx_seq_one_letter_code
;SMPKSMQCKVILLDGSEYTCDVEKRSRGQVLFDKVCEHLNLLEKDYFGLTYRDAENQKNWLDPAKEIKKQVRSGAWHFSF
NVKFYPPDPAQLSEDITRYYLCLQLRDDIVSGRLPCSFVTLALLGSYTVQSELGDYDPDECGSDYISEFRFAPNHTKELE
DKVIELHKSHRGMTPAEAEMHFLENAKKLSMYGVDLHHAKDSEGVEIMLGVCASGLLIYRDRLRINRFAWPKVLKISYKR
NNFYIKIRPGEFEQFESTIGFKLPNHRAAKRLWKVCVEHHTFFRLL
;
_entity_poly.pdbx_strand_id   A
#
# COMPACT_ATOMS: atom_id res chain seq x y z
N PRO A 3 10.58 25.79 23.49
CA PRO A 3 9.65 24.71 23.10
C PRO A 3 10.41 23.54 22.44
N LYS A 4 10.45 22.39 23.10
CA LYS A 4 11.39 21.30 22.73
C LYS A 4 10.92 20.51 21.52
N SER A 5 11.85 20.27 20.58
N SER A 5 11.83 20.33 20.55
CA SER A 5 11.56 19.63 19.27
CA SER A 5 11.59 19.64 19.27
C SER A 5 12.33 18.31 19.11
C SER A 5 12.17 18.22 19.33
N MET A 6 11.71 17.35 18.44
CA MET A 6 12.27 15.99 18.27
C MET A 6 12.57 15.88 16.78
N GLN A 7 13.73 15.33 16.45
CA GLN A 7 14.15 15.13 15.05
C GLN A 7 13.34 13.95 14.49
N CYS A 8 12.75 14.11 13.32
CA CYS A 8 12.01 13.01 12.62
C CYS A 8 12.77 12.64 11.36
N LYS A 9 12.91 11.34 11.10
CA LYS A 9 13.48 10.86 9.83
C LYS A 9 12.38 10.04 9.12
N VAL A 10 12.16 10.37 7.87
CA VAL A 10 11.11 9.73 7.04
C VAL A 10 11.74 9.18 5.79
N ILE A 11 11.60 7.88 5.59
CA ILE A 11 12.02 7.25 4.31
C ILE A 11 10.94 7.55 3.26
N LEU A 12 11.34 8.23 2.20
CA LEU A 12 10.40 8.59 1.11
C LEU A 12 10.31 7.44 0.11
N LEU A 13 9.34 7.50 -0.80
CA LEU A 13 9.08 6.38 -1.71
C LEU A 13 10.18 6.26 -2.77
N ASP A 14 11.01 7.31 -2.96
CA ASP A 14 12.18 7.23 -3.88
C ASP A 14 13.37 6.61 -3.14
N GLY A 15 13.20 6.18 -1.89
CA GLY A 15 14.28 5.59 -1.06
C GLY A 15 15.13 6.60 -0.31
N SER A 16 14.93 7.89 -0.55
CA SER A 16 15.67 8.98 0.13
C SER A 16 15.08 9.26 1.52
N GLU A 17 15.84 9.97 2.35
CA GLU A 17 15.52 10.26 3.77
C GLU A 17 15.23 11.76 3.92
N TYR A 18 14.00 12.13 4.31
CA TYR A 18 13.65 13.51 4.71
C TYR A 18 13.79 13.62 6.23
N THR A 19 14.47 14.68 6.68
CA THR A 19 14.67 15.00 8.10
C THR A 19 13.97 16.31 8.39
N CYS A 20 13.22 16.36 9.48
CA CYS A 20 12.61 17.61 10.00
C CYS A 20 12.47 17.50 11.52
N ASP A 21 12.03 18.59 12.15
CA ASP A 21 11.84 18.67 13.61
C ASP A 21 10.38 19.02 13.82
N VAL A 22 9.75 18.42 14.81
CA VAL A 22 8.41 18.83 15.31
C VAL A 22 8.46 18.99 16.82
N GLU A 23 7.58 19.79 17.38
CA GLU A 23 7.48 19.92 18.83
C GLU A 23 7.18 18.53 19.42
N LYS A 24 7.78 18.17 20.56
CA LYS A 24 7.74 16.76 21.05
C LYS A 24 6.31 16.29 21.36
N ARG A 25 5.33 17.20 21.61
CA ARG A 25 3.92 16.83 21.91
C ARG A 25 3.05 16.88 20.64
N SER A 26 3.68 16.99 19.49
CA SER A 26 2.97 17.11 18.20
C SER A 26 2.13 15.86 17.92
N ARG A 27 0.99 16.09 17.29
CA ARG A 27 0.11 15.05 16.70
C ARG A 27 0.70 14.61 15.36
N GLY A 28 0.34 13.41 14.89
CA GLY A 28 0.93 12.87 13.66
C GLY A 28 0.70 13.80 12.46
N GLN A 29 -0.44 14.51 12.43
CA GLN A 29 -0.81 15.36 11.28
C GLN A 29 0.30 16.36 11.03
N VAL A 30 0.88 16.89 12.11
CA VAL A 30 1.92 17.95 12.00
C VAL A 30 3.05 17.43 11.10
N LEU A 31 3.60 16.25 11.42
CA LEU A 31 4.69 15.64 10.64
C LEU A 31 4.23 15.31 9.22
N PHE A 32 3.08 14.72 9.09
CA PHE A 32 2.53 14.35 7.77
C PHE A 32 2.39 15.60 6.89
N ASP A 33 1.88 16.70 7.45
CA ASP A 33 1.73 17.97 6.68
C ASP A 33 3.12 18.38 6.18
N LYS A 34 4.14 18.36 7.04
CA LYS A 34 5.53 18.75 6.63
C LYS A 34 6.00 17.84 5.49
N VAL A 35 5.79 16.53 5.60
CA VAL A 35 6.30 15.59 4.56
C VAL A 35 5.57 15.86 3.24
N CYS A 36 4.25 16.01 3.29
CA CYS A 36 3.45 16.27 2.06
C CYS A 36 3.82 17.60 1.43
N GLU A 37 4.07 18.63 2.22
CA GLU A 37 4.54 19.89 1.62
C GLU A 37 5.89 19.67 0.94
N HIS A 38 6.82 18.98 1.59
CA HIS A 38 8.12 18.63 0.97
C HIS A 38 7.90 17.93 -0.39
N LEU A 39 6.91 17.05 -0.46
CA LEU A 39 6.69 16.21 -1.67
C LEU A 39 5.84 16.96 -2.71
N ASN A 40 5.36 18.18 -2.42
CA ASN A 40 4.41 18.92 -3.29
C ASN A 40 3.14 18.10 -3.54
N LEU A 41 2.65 17.44 -2.51
CA LEU A 41 1.52 16.48 -2.58
C LEU A 41 0.30 17.18 -1.97
N LEU A 42 -0.73 17.36 -2.82
CA LEU A 42 -2.02 17.97 -2.39
C LEU A 42 -3.07 16.92 -2.10
N GLU A 43 -3.09 15.83 -2.88
CA GLU A 43 -4.10 14.76 -2.69
C GLU A 43 -3.60 13.82 -1.61
N LYS A 44 -3.59 14.34 -0.39
CA LYS A 44 -2.93 13.70 0.79
C LYS A 44 -3.78 12.56 1.37
N ASP A 45 -5.07 12.51 1.04
CA ASP A 45 -6.04 11.59 1.69
C ASP A 45 -5.64 10.12 1.49
N TYR A 46 -4.94 9.78 0.41
CA TYR A 46 -4.57 8.38 0.06
C TYR A 46 -3.32 7.91 0.82
N PHE A 47 -2.63 8.82 1.52
CA PHE A 47 -1.28 8.52 2.05
C PHE A 47 -1.26 8.55 3.58
N GLY A 48 -0.16 8.06 4.11
CA GLY A 48 0.10 8.08 5.55
C GLY A 48 1.54 7.82 5.87
N LEU A 49 1.84 7.89 7.16
CA LEU A 49 3.18 7.51 7.65
C LEU A 49 3.05 6.22 8.42
N THR A 50 4.07 5.40 8.33
CA THR A 50 4.16 4.17 9.13
C THR A 50 5.33 4.33 10.07
N TYR A 51 5.29 3.57 11.15
CA TYR A 51 6.45 3.36 12.03
C TYR A 51 6.43 1.89 12.44
N ARG A 52 7.52 1.45 13.09
CA ARG A 52 7.68 0.06 13.56
C ARG A 52 7.63 0.07 15.10
N ASP A 53 6.73 -0.73 15.67
CA ASP A 53 6.45 -0.79 17.13
C ASP A 53 7.55 -1.62 17.78
N ALA A 54 7.42 -1.84 19.10
CA ALA A 54 8.44 -2.53 19.91
C ALA A 54 8.50 -4.00 19.50
N GLU A 55 7.46 -4.51 18.83
CA GLU A 55 7.46 -5.89 18.27
C GLU A 55 7.97 -5.90 16.83
N ASN A 56 8.46 -4.74 16.32
CA ASN A 56 8.94 -4.55 14.91
C ASN A 56 7.79 -4.71 13.91
N GLN A 57 6.54 -4.48 14.32
CA GLN A 57 5.40 -4.57 13.37
C GLN A 57 5.19 -3.16 12.80
N LYS A 58 4.88 -3.08 11.51
CA LYS A 58 4.47 -1.81 10.83
C LYS A 58 3.15 -1.37 11.42
N ASN A 59 3.02 -0.10 11.77
CA ASN A 59 1.79 0.54 12.26
C ASN A 59 1.60 1.84 11.48
N TRP A 60 0.36 2.18 11.18
CA TRP A 60 0.05 3.52 10.69
C TRP A 60 0.20 4.53 11.83
N LEU A 61 0.86 5.63 11.56
CA LEU A 61 0.88 6.76 12.50
C LEU A 61 -0.49 7.44 12.43
N ASP A 62 -1.23 7.44 13.53
CA ASP A 62 -2.56 8.10 13.59
C ASP A 62 -2.35 9.61 13.64
N PRO A 63 -2.81 10.35 12.61
CA PRO A 63 -2.52 11.78 12.55
C PRO A 63 -3.26 12.57 13.61
N ALA A 64 -4.26 11.98 14.23
CA ALA A 64 -5.05 12.66 15.29
C ALA A 64 -4.45 12.45 16.67
N LYS A 65 -3.45 11.57 16.84
CA LYS A 65 -2.85 11.26 18.16
C LYS A 65 -1.42 11.78 18.25
N GLU A 66 -0.95 12.02 19.48
CA GLU A 66 0.44 12.45 19.70
C GLU A 66 1.40 11.41 19.10
N ILE A 67 2.46 11.87 18.47
CA ILE A 67 3.50 10.98 17.89
C ILE A 67 4.14 10.18 19.03
N LYS A 68 4.48 10.89 20.11
CA LYS A 68 5.22 10.24 21.24
C LYS A 68 4.39 9.10 21.82
N LYS A 69 3.06 9.19 21.82
CA LYS A 69 2.21 8.11 22.41
C LYS A 69 2.02 6.94 21.46
N GLN A 70 2.53 7.03 20.23
CA GLN A 70 2.51 5.91 19.27
C GLN A 70 3.91 5.30 19.19
N VAL A 71 4.97 6.10 19.01
CA VAL A 71 6.32 5.53 18.82
C VAL A 71 6.83 5.06 20.19
N ARG A 72 6.29 5.67 21.24
CA ARG A 72 6.52 5.30 22.67
C ARG A 72 8.03 5.27 22.93
N SER A 73 8.63 4.09 23.05
CA SER A 73 10.05 3.92 23.46
C SER A 73 10.95 3.88 22.22
N GLY A 74 10.38 3.92 21.01
CA GLY A 74 11.14 3.75 19.77
C GLY A 74 11.64 5.03 19.19
N ALA A 75 12.45 4.87 18.15
CA ALA A 75 13.05 6.00 17.40
C ALA A 75 11.93 6.71 16.65
N TRP A 76 12.07 8.02 16.48
CA TRP A 76 11.18 8.83 15.61
C TRP A 76 11.69 8.68 14.17
N HIS A 77 11.36 7.48 13.63
CA HIS A 77 11.72 7.09 12.25
C HIS A 77 10.49 6.48 11.59
N PHE A 78 10.17 6.95 10.39
CA PHE A 78 8.89 6.67 9.69
C PHE A 78 9.17 6.30 8.23
N SER A 79 8.12 5.84 7.55
CA SER A 79 8.11 5.69 6.09
C SER A 79 6.87 6.39 5.59
N PHE A 80 6.98 7.01 4.44
CA PHE A 80 5.85 7.61 3.73
C PHE A 80 5.29 6.59 2.75
N ASN A 81 3.98 6.31 2.83
CA ASN A 81 3.38 5.20 2.10
C ASN A 81 1.98 5.55 1.63
N VAL A 82 1.55 4.80 0.63
CA VAL A 82 0.12 4.80 0.25
C VAL A 82 -0.62 4.00 1.33
N LYS A 83 -1.72 4.57 1.82
CA LYS A 83 -2.57 3.95 2.85
C LYS A 83 -3.82 3.39 2.16
N PHE A 84 -4.42 4.18 1.29
CA PHE A 84 -5.67 3.78 0.57
C PHE A 84 -5.38 3.76 -0.92
N TYR A 85 -5.39 2.57 -1.54
CA TYR A 85 -5.03 2.45 -2.97
C TYR A 85 -6.29 2.74 -3.77
N PRO A 86 -6.31 3.80 -4.59
CA PRO A 86 -7.53 4.13 -5.34
C PRO A 86 -7.82 3.05 -6.35
N PRO A 87 -9.08 2.56 -6.41
CA PRO A 87 -9.43 1.53 -7.39
C PRO A 87 -9.33 2.07 -8.83
N ASP A 88 -9.53 3.37 -9.03
CA ASP A 88 -9.36 3.97 -10.37
C ASP A 88 -8.44 5.18 -10.29
N PRO A 89 -7.12 4.92 -10.41
CA PRO A 89 -6.16 6.00 -10.35
C PRO A 89 -6.34 7.09 -11.42
N ALA A 90 -7.05 6.81 -12.52
CA ALA A 90 -7.30 7.85 -13.54
C ALA A 90 -8.19 8.96 -12.95
N GLN A 91 -8.88 8.69 -11.86
CA GLN A 91 -9.82 9.69 -11.26
C GLN A 91 -9.06 10.59 -10.29
N LEU A 92 -7.78 10.33 -9.99
CA LEU A 92 -6.99 11.30 -9.19
C LEU A 92 -6.81 12.60 -9.96
N SER A 93 -6.80 13.72 -9.25
CA SER A 93 -6.79 15.05 -9.88
C SER A 93 -5.39 15.39 -10.38
N GLU A 94 -4.31 14.88 -9.73
CA GLU A 94 -2.96 15.37 -10.10
C GLU A 94 -2.06 14.21 -10.52
N ASP A 95 -1.27 14.47 -11.55
CA ASP A 95 -0.22 13.58 -12.02
C ASP A 95 0.69 13.21 -10.83
N ILE A 96 1.07 14.18 -10.00
CA ILE A 96 2.10 13.89 -8.97
C ILE A 96 1.58 12.85 -7.99
N THR A 97 0.26 12.80 -7.78
CA THR A 97 -0.36 11.80 -6.90
C THR A 97 -0.16 10.45 -7.55
N ARG A 98 -0.41 10.38 -8.87
CA ARG A 98 -0.23 9.09 -9.57
C ARG A 98 1.24 8.65 -9.54
N TYR A 99 2.13 9.62 -9.63
CA TYR A 99 3.59 9.37 -9.54
C TYR A 99 3.89 8.66 -8.21
N TYR A 100 3.52 9.24 -7.08
CA TYR A 100 3.79 8.64 -5.76
C TYR A 100 3.15 7.27 -5.69
N LEU A 101 1.94 7.12 -6.27
CA LEU A 101 1.27 5.79 -6.23
C LEU A 101 2.09 4.78 -7.04
N CYS A 102 2.64 5.17 -8.19
CA CYS A 102 3.57 4.32 -8.98
C CYS A 102 4.77 3.94 -8.12
N LEU A 103 5.37 4.91 -7.40
CA LEU A 103 6.58 4.57 -6.61
C LEU A 103 6.20 3.52 -5.56
N GLN A 104 5.05 3.66 -4.93
CA GLN A 104 4.64 2.68 -3.90
C GLN A 104 4.47 1.30 -4.54
N LEU A 105 3.77 1.27 -5.67
CA LEU A 105 3.49 -0.01 -6.36
C LEU A 105 4.78 -0.66 -6.83
N ARG A 106 5.77 0.11 -7.30
CA ARG A 106 7.06 -0.49 -7.68
C ARG A 106 7.65 -1.23 -6.48
N ASP A 107 7.59 -0.65 -5.27
CA ASP A 107 8.10 -1.34 -4.06
C ASP A 107 7.22 -2.52 -3.66
N ASP A 108 5.91 -2.40 -3.82
CA ASP A 108 4.99 -3.52 -3.58
C ASP A 108 5.41 -4.69 -4.49
N ILE A 109 5.82 -4.42 -5.71
CA ILE A 109 6.19 -5.49 -6.67
C ILE A 109 7.56 -6.07 -6.29
N VAL A 110 8.59 -5.25 -6.11
CA VAL A 110 9.98 -5.72 -5.85
C VAL A 110 9.96 -6.54 -4.55
N SER A 111 9.17 -6.10 -3.58
CA SER A 111 9.08 -6.68 -2.22
C SER A 111 8.36 -8.02 -2.28
N GLY A 112 7.58 -8.29 -3.34
CA GLY A 112 6.72 -9.48 -3.46
C GLY A 112 5.36 -9.39 -2.78
N ARG A 113 4.98 -8.25 -2.20
CA ARG A 113 3.64 -8.03 -1.62
C ARG A 113 2.62 -8.06 -2.74
N LEU A 114 3.02 -7.67 -3.95
CA LEU A 114 2.08 -7.59 -5.10
C LEU A 114 2.55 -8.57 -6.18
N PRO A 115 2.07 -9.82 -6.17
CA PRO A 115 2.51 -10.79 -7.15
C PRO A 115 2.02 -10.37 -8.53
N CYS A 116 2.80 -10.78 -9.54
N CYS A 116 2.91 -10.55 -9.52
CA CYS A 116 2.69 -10.26 -10.91
CA CYS A 116 2.67 -10.27 -10.96
C CYS A 116 3.26 -11.29 -11.90
C CYS A 116 3.10 -11.47 -11.79
N SER A 117 2.55 -11.57 -13.00
CA SER A 117 3.04 -12.47 -14.07
C SER A 117 4.31 -11.87 -14.66
N PHE A 118 5.11 -12.71 -15.32
CA PHE A 118 6.28 -12.28 -16.10
C PHE A 118 5.93 -11.12 -17.04
N VAL A 119 4.86 -11.25 -17.82
CA VAL A 119 4.53 -10.26 -18.85
C VAL A 119 4.13 -8.94 -18.17
N THR A 120 3.36 -9.00 -17.07
CA THR A 120 2.96 -7.76 -16.39
C THR A 120 4.18 -7.14 -15.72
N LEU A 121 5.08 -7.92 -15.12
CA LEU A 121 6.35 -7.36 -14.60
C LEU A 121 7.08 -6.57 -15.71
N ALA A 122 7.18 -7.14 -16.90
CA ALA A 122 7.88 -6.52 -18.04
C ALA A 122 7.12 -5.26 -18.53
N LEU A 123 5.79 -5.33 -18.60
CA LEU A 123 5.01 -4.17 -19.06
C LEU A 123 5.12 -3.03 -18.05
N LEU A 124 4.95 -3.31 -16.76
CA LEU A 124 5.09 -2.27 -15.72
C LEU A 124 6.53 -1.67 -15.79
N GLY A 125 7.54 -2.53 -15.84
CA GLY A 125 8.92 -2.07 -15.97
C GLY A 125 9.11 -1.17 -17.19
N SER A 126 8.55 -1.54 -18.34
CA SER A 126 8.71 -0.76 -19.59
C SER A 126 8.10 0.64 -19.44
N TYR A 127 6.99 0.78 -18.75
CA TYR A 127 6.37 2.09 -18.51
C TYR A 127 7.25 2.92 -17.55
N THR A 128 7.75 2.32 -16.48
CA THR A 128 8.66 3.01 -15.54
C THR A 128 9.86 3.55 -16.33
N VAL A 129 10.48 2.71 -17.15
CA VAL A 129 11.66 3.14 -17.94
C VAL A 129 11.25 4.28 -18.88
N GLN A 130 10.11 4.16 -19.55
CA GLN A 130 9.66 5.20 -20.47
C GLN A 130 9.46 6.52 -19.71
N SER A 131 8.82 6.48 -18.54
N SER A 131 8.86 6.46 -18.51
CA SER A 131 8.56 7.69 -17.73
CA SER A 131 8.51 7.63 -17.68
C SER A 131 9.89 8.35 -17.35
C SER A 131 9.78 8.32 -17.16
N GLU A 132 10.84 7.55 -16.89
CA GLU A 132 12.07 8.08 -16.24
C GLU A 132 13.18 8.41 -17.23
N LEU A 133 13.35 7.62 -18.29
CA LEU A 133 14.47 7.87 -19.24
C LEU A 133 13.93 8.44 -20.55
N GLY A 134 12.62 8.36 -20.79
CA GLY A 134 12.04 8.74 -22.08
C GLY A 134 12.23 7.65 -23.12
N ASP A 135 12.35 8.04 -24.38
CA ASP A 135 12.32 7.09 -25.52
C ASP A 135 13.49 6.15 -25.49
N TYR A 136 13.26 4.92 -25.93
CA TYR A 136 14.28 3.88 -26.02
C TYR A 136 15.47 4.41 -26.84
N ASP A 137 16.66 4.21 -26.30
CA ASP A 137 17.94 4.53 -26.98
C ASP A 137 18.76 3.26 -27.08
N PRO A 138 19.04 2.76 -28.30
CA PRO A 138 19.84 1.54 -28.47
C PRO A 138 21.26 1.71 -27.91
N ASP A 139 21.82 2.92 -28.02
CA ASP A 139 23.23 3.23 -27.65
C ASP A 139 23.46 2.86 -26.19
N GLU A 140 22.44 3.03 -25.34
CA GLU A 140 22.51 2.77 -23.87
C GLU A 140 22.46 1.27 -23.61
N CYS A 141 21.59 0.55 -24.33
CA CYS A 141 21.32 -0.90 -24.13
C CYS A 141 21.87 -1.73 -25.30
N GLY A 142 22.71 -2.71 -25.01
CA GLY A 142 23.14 -3.76 -25.95
C GLY A 142 22.41 -5.06 -25.67
N SER A 143 22.81 -6.15 -26.33
CA SER A 143 22.22 -7.50 -26.16
C SER A 143 22.40 -7.98 -24.70
N ASP A 144 23.40 -7.44 -23.99
CA ASP A 144 23.71 -7.81 -22.57
C ASP A 144 23.21 -6.74 -21.57
N TYR A 145 22.24 -5.91 -21.91
CA TYR A 145 21.80 -4.81 -21.00
C TYR A 145 21.06 -5.34 -19.76
N ILE A 146 21.39 -4.74 -18.61
CA ILE A 146 20.67 -4.95 -17.31
C ILE A 146 20.43 -3.58 -16.66
N SER A 147 19.16 -3.18 -16.55
CA SER A 147 18.73 -1.87 -16.01
C SER A 147 19.15 -1.72 -14.55
N GLU A 148 19.39 -0.49 -14.13
CA GLU A 148 19.57 -0.15 -12.70
C GLU A 148 18.24 -0.34 -11.98
N PHE A 149 17.12 -0.26 -12.71
CA PHE A 149 15.76 -0.28 -12.16
C PHE A 149 15.51 -1.72 -11.70
N ARG A 150 15.04 -1.78 -10.48
CA ARG A 150 14.47 -2.96 -9.81
C ARG A 150 13.04 -3.05 -10.30
N PHE A 151 12.72 -4.19 -10.90
CA PHE A 151 11.42 -4.49 -11.53
C PHE A 151 10.67 -5.60 -10.84
N ALA A 152 11.33 -6.46 -10.09
CA ALA A 152 10.71 -7.72 -9.69
C ALA A 152 11.43 -8.25 -8.47
N PRO A 153 10.79 -9.16 -7.73
CA PRO A 153 11.43 -9.77 -6.57
C PRO A 153 12.64 -10.60 -7.01
N ASN A 154 12.60 -11.15 -8.22
CA ASN A 154 13.75 -11.93 -8.79
C ASN A 154 13.97 -11.53 -10.26
N HIS A 155 15.12 -10.96 -10.55
CA HIS A 155 15.45 -10.51 -11.90
C HIS A 155 16.07 -11.65 -12.71
N THR A 156 15.67 -11.73 -13.95
CA THR A 156 16.26 -12.64 -14.95
C THR A 156 16.64 -11.84 -16.17
N LYS A 157 17.57 -12.39 -16.95
CA LYS A 157 17.96 -11.76 -18.23
C LYS A 157 16.73 -11.69 -19.14
N GLU A 158 15.92 -12.77 -19.17
CA GLU A 158 14.69 -12.79 -20.00
C GLU A 158 13.82 -11.58 -19.64
N LEU A 159 13.64 -11.32 -18.34
CA LEU A 159 12.77 -10.18 -17.92
C LEU A 159 13.35 -8.86 -18.44
N GLU A 160 14.65 -8.66 -18.29
CA GLU A 160 15.33 -7.42 -18.76
C GLU A 160 15.11 -7.24 -20.24
N ASP A 161 15.20 -8.36 -20.97
CA ASP A 161 15.02 -8.36 -22.45
C ASP A 161 13.60 -7.90 -22.77
N LYS A 162 12.63 -8.41 -22.02
CA LYS A 162 11.21 -8.15 -22.35
C LYS A 162 10.89 -6.70 -22.01
N VAL A 163 11.42 -6.17 -20.90
CA VAL A 163 11.29 -4.71 -20.59
C VAL A 163 11.78 -3.91 -21.79
N ILE A 164 12.94 -4.22 -22.34
CA ILE A 164 13.52 -3.44 -23.46
C ILE A 164 12.58 -3.56 -24.66
N GLU A 165 12.09 -4.77 -24.96
CA GLU A 165 11.24 -4.97 -26.16
C GLU A 165 9.98 -4.09 -26.05
N LEU A 166 9.37 -4.02 -24.88
CA LEU A 166 8.13 -3.21 -24.67
C LEU A 166 8.49 -1.74 -24.64
N HIS A 167 9.65 -1.40 -24.07
CA HIS A 167 10.07 0.01 -23.98
C HIS A 167 10.16 0.58 -25.41
N LYS A 168 10.65 -0.24 -26.33
CA LYS A 168 10.79 0.19 -27.74
C LYS A 168 9.42 0.59 -28.28
N SER A 169 8.34 -0.09 -27.87
CA SER A 169 6.98 0.13 -28.40
C SER A 169 6.41 1.46 -27.88
N HIS A 170 7.01 2.09 -26.86
CA HIS A 170 6.40 3.28 -26.18
C HIS A 170 7.01 4.59 -26.69
N ARG A 171 7.67 4.61 -27.85
CA ARG A 171 8.26 5.90 -28.35
C ARG A 171 7.20 7.03 -28.38
N GLY A 172 7.56 8.21 -27.86
CA GLY A 172 6.71 9.42 -27.89
C GLY A 172 5.88 9.56 -26.63
N MET A 173 5.94 8.55 -25.74
CA MET A 173 5.04 8.54 -24.56
C MET A 173 5.61 9.48 -23.51
N THR A 174 4.78 10.32 -22.92
CA THR A 174 5.23 11.31 -21.93
C THR A 174 5.14 10.66 -20.55
N PRO A 175 5.80 11.23 -19.52
CA PRO A 175 5.87 10.58 -18.22
C PRO A 175 4.51 10.37 -17.58
N ALA A 176 3.63 11.37 -17.56
CA ALA A 176 2.29 11.20 -16.98
C ALA A 176 1.58 10.11 -17.75
N GLU A 177 1.77 10.09 -19.07
CA GLU A 177 1.06 9.10 -19.93
C GLU A 177 1.52 7.67 -19.54
N ALA A 178 2.82 7.50 -19.36
CA ALA A 178 3.46 6.19 -19.09
C ALA A 178 3.02 5.76 -17.67
N GLU A 179 3.02 6.71 -16.74
CA GLU A 179 2.60 6.40 -15.35
C GLU A 179 1.10 6.01 -15.35
N MET A 180 0.26 6.69 -16.14
CA MET A 180 -1.16 6.30 -16.20
C MET A 180 -1.26 4.87 -16.75
N HIS A 181 -0.48 4.50 -17.77
CA HIS A 181 -0.53 3.13 -18.29
C HIS A 181 -0.03 2.15 -17.22
N PHE A 182 1.01 2.55 -16.49
CA PHE A 182 1.52 1.67 -15.41
C PHE A 182 0.31 1.33 -14.53
N LEU A 183 -0.39 2.37 -14.11
CA LEU A 183 -1.47 2.23 -13.12
C LEU A 183 -2.64 1.44 -13.71
N GLU A 184 -2.99 1.67 -14.96
CA GLU A 184 -4.12 0.93 -15.59
C GLU A 184 -3.88 -0.58 -15.54
N ASN A 185 -2.62 -1.01 -15.67
CA ASN A 185 -2.21 -2.44 -15.58
C ASN A 185 -2.19 -2.85 -14.10
N ALA A 186 -1.53 -2.07 -13.24
CA ALA A 186 -1.30 -2.51 -11.84
C ALA A 186 -2.63 -2.67 -11.11
N LYS A 187 -3.60 -1.80 -11.40
CA LYS A 187 -4.87 -1.72 -10.63
C LYS A 187 -5.65 -3.03 -10.85
N LYS A 188 -5.34 -3.77 -11.92
CA LYS A 188 -6.12 -4.99 -12.27
C LYS A 188 -5.60 -6.23 -11.54
N LEU A 189 -4.42 -6.16 -10.94
CA LEU A 189 -3.73 -7.30 -10.30
C LEU A 189 -4.55 -7.74 -9.09
N SER A 190 -4.64 -9.02 -8.91
CA SER A 190 -5.61 -9.57 -7.92
C SER A 190 -5.23 -9.11 -6.50
N MET A 191 -3.97 -8.77 -6.23
CA MET A 191 -3.49 -8.34 -4.89
C MET A 191 -3.25 -6.82 -4.83
N TYR A 192 -3.65 -6.05 -5.84
CA TYR A 192 -3.59 -4.56 -5.82
C TYR A 192 -4.27 -3.99 -4.58
N GLY A 193 -3.50 -3.24 -3.81
CA GLY A 193 -3.92 -2.51 -2.60
C GLY A 193 -4.44 -3.45 -1.50
N VAL A 194 -4.08 -4.72 -1.53
CA VAL A 194 -4.56 -5.69 -0.50
C VAL A 194 -3.52 -5.72 0.62
N ASP A 195 -3.94 -5.35 1.83
CA ASP A 195 -3.12 -5.40 3.06
C ASP A 195 -3.42 -6.75 3.72
N LEU A 196 -2.45 -7.66 3.74
CA LEU A 196 -2.65 -9.05 4.28
C LEU A 196 -2.27 -9.16 5.75
N HIS A 197 -3.12 -9.85 6.49
CA HIS A 197 -2.93 -10.15 7.93
C HIS A 197 -3.05 -11.64 8.14
N HIS A 198 -2.03 -12.28 8.71
CA HIS A 198 -2.07 -13.69 9.17
C HIS A 198 -3.13 -13.85 10.27
N ALA A 199 -3.92 -14.89 10.19
CA ALA A 199 -4.99 -15.21 11.17
C ALA A 199 -5.33 -16.69 11.13
N LYS A 200 -6.18 -17.11 12.05
CA LYS A 200 -6.80 -18.46 12.07
C LYS A 200 -8.30 -18.28 12.11
N ASP A 201 -9.04 -19.19 11.48
CA ASP A 201 -10.51 -19.13 11.51
C ASP A 201 -10.93 -19.70 12.86
N SER A 202 -12.25 -19.69 13.14
CA SER A 202 -12.88 -20.18 14.40
C SER A 202 -12.59 -21.67 14.62
N GLU A 203 -11.88 -22.33 13.71
CA GLU A 203 -11.47 -23.76 13.84
C GLU A 203 -9.95 -23.92 13.99
N GLY A 204 -9.16 -22.84 13.95
CA GLY A 204 -7.69 -22.91 14.10
C GLY A 204 -6.96 -23.11 12.77
N VAL A 205 -7.65 -23.08 11.64
CA VAL A 205 -7.01 -23.23 10.30
C VAL A 205 -6.38 -21.88 9.92
N GLU A 206 -5.12 -21.90 9.51
CA GLU A 206 -4.35 -20.68 9.13
C GLU A 206 -4.97 -20.12 7.85
N ILE A 207 -5.29 -18.85 7.89
CA ILE A 207 -5.84 -18.11 6.73
C ILE A 207 -5.06 -16.80 6.65
N MET A 208 -5.33 -16.02 5.59
CA MET A 208 -4.94 -14.59 5.51
C MET A 208 -6.21 -13.78 5.37
N LEU A 209 -6.26 -12.64 6.06
CA LEU A 209 -7.34 -11.66 5.87
C LEU A 209 -6.76 -10.50 5.05
N GLY A 210 -7.37 -10.14 3.95
CA GLY A 210 -6.87 -9.03 3.14
C GLY A 210 -7.78 -7.85 3.29
N VAL A 211 -7.23 -6.68 3.52
CA VAL A 211 -8.04 -5.47 3.67
C VAL A 211 -7.83 -4.61 2.41
N CYS A 212 -8.91 -4.20 1.78
CA CYS A 212 -8.78 -3.42 0.53
C CYS A 212 -10.06 -2.64 0.27
N ALA A 213 -10.08 -1.88 -0.81
CA ALA A 213 -11.21 -0.99 -1.13
C ALA A 213 -12.52 -1.77 -1.16
N SER A 214 -12.48 -2.96 -1.73
CA SER A 214 -13.69 -3.74 -2.07
C SER A 214 -14.12 -4.59 -0.88
N GLY A 215 -13.38 -4.57 0.22
CA GLY A 215 -13.90 -5.18 1.48
C GLY A 215 -12.86 -6.00 2.19
N LEU A 216 -13.31 -6.97 2.95
CA LEU A 216 -12.41 -7.89 3.67
C LEU A 216 -12.41 -9.19 2.90
N LEU A 217 -11.23 -9.67 2.52
CA LEU A 217 -11.03 -10.93 1.76
C LEU A 217 -10.53 -11.98 2.73
N ILE A 218 -11.02 -13.20 2.60
CA ILE A 218 -10.45 -14.33 3.36
C ILE A 218 -9.81 -15.24 2.32
N TYR A 219 -8.53 -15.55 2.51
CA TYR A 219 -7.80 -16.59 1.74
C TYR A 219 -7.69 -17.81 2.64
N ARG A 220 -8.63 -18.76 2.47
CA ARG A 220 -8.81 -19.96 3.33
C ARG A 220 -7.78 -21.02 2.93
N ASP A 221 -7.25 -20.92 1.71
CA ASP A 221 -6.13 -21.77 1.20
C ASP A 221 -4.92 -20.86 0.94
N ARG A 222 -4.75 -20.46 -0.32
CA ARG A 222 -3.80 -19.40 -0.78
C ARG A 222 -4.59 -18.49 -1.74
N LEU A 223 -5.83 -18.91 -2.03
CA LEU A 223 -6.77 -18.28 -2.99
C LEU A 223 -7.97 -17.74 -2.21
N ARG A 224 -8.56 -16.64 -2.70
CA ARG A 224 -9.70 -15.93 -2.04
C ARG A 224 -10.92 -16.86 -1.99
N ILE A 225 -11.28 -17.33 -0.79
CA ILE A 225 -12.37 -18.32 -0.57
C ILE A 225 -13.60 -17.59 0.01
N ASN A 226 -13.52 -16.28 0.26
CA ASN A 226 -14.66 -15.47 0.75
C ASN A 226 -14.34 -13.98 0.66
N ARG A 227 -15.37 -13.16 0.42
CA ARG A 227 -15.29 -11.68 0.32
C ARG A 227 -16.48 -11.05 1.04
N PHE A 228 -16.21 -10.08 1.91
CA PHE A 228 -17.22 -9.26 2.61
C PHE A 228 -17.06 -7.80 2.15
N ALA A 229 -17.91 -7.37 1.21
CA ALA A 229 -17.94 -5.98 0.74
C ALA A 229 -18.22 -5.09 1.94
N TRP A 230 -17.56 -3.95 2.01
CA TRP A 230 -17.68 -3.04 3.17
C TRP A 230 -19.14 -2.74 3.51
N PRO A 231 -20.04 -2.47 2.53
CA PRO A 231 -21.40 -2.04 2.88
C PRO A 231 -22.06 -3.07 3.83
N LYS A 232 -21.91 -4.36 3.56
CA LYS A 232 -22.47 -5.46 4.40
C LYS A 232 -21.95 -5.41 5.84
N VAL A 233 -20.81 -4.79 6.10
CA VAL A 233 -20.15 -4.88 7.43
C VAL A 233 -20.73 -3.77 8.30
N LEU A 234 -21.49 -4.11 9.35
CA LEU A 234 -22.09 -3.07 10.22
C LEU A 234 -21.18 -2.70 11.38
N LYS A 235 -20.39 -3.65 11.87
CA LYS A 235 -19.58 -3.45 13.08
C LYS A 235 -18.31 -4.30 12.97
N ILE A 236 -17.18 -3.66 13.24
CA ILE A 236 -15.88 -4.38 13.36
C ILE A 236 -15.46 -4.19 14.82
N SER A 237 -14.93 -5.23 15.43
CA SER A 237 -14.55 -5.21 16.86
C SER A 237 -13.40 -6.18 17.12
N TYR A 238 -12.72 -5.97 18.23
CA TYR A 238 -11.68 -6.90 18.69
C TYR A 238 -11.87 -7.12 20.19
N LYS A 239 -11.36 -8.25 20.66
CA LYS A 239 -11.36 -8.65 22.09
C LYS A 239 -10.21 -9.66 22.26
N ARG A 240 -9.36 -9.43 23.28
CA ARG A 240 -8.13 -10.24 23.48
C ARG A 240 -7.49 -10.46 22.10
N ASN A 241 -7.29 -11.72 21.68
CA ASN A 241 -6.54 -12.04 20.43
C ASN A 241 -7.51 -12.22 19.27
N ASN A 242 -8.78 -11.84 19.45
CA ASN A 242 -9.85 -12.18 18.49
C ASN A 242 -10.37 -10.92 17.80
N PHE A 243 -10.74 -11.10 16.54
CA PHE A 243 -11.27 -10.04 15.66
C PHE A 243 -12.60 -10.57 15.14
N TYR A 244 -13.63 -9.70 15.14
CA TYR A 244 -15.03 -10.03 14.72
C TYR A 244 -15.57 -9.02 13.72
N ILE A 245 -16.35 -9.50 12.75
CA ILE A 245 -17.17 -8.61 11.87
C ILE A 245 -18.65 -8.98 12.03
N LYS A 246 -19.49 -7.97 12.24
CA LYS A 246 -20.97 -8.16 12.30
C LYS A 246 -21.49 -7.84 10.90
N ILE A 247 -22.01 -8.89 10.25
CA ILE A 247 -22.63 -8.86 8.89
C ILE A 247 -24.13 -8.50 8.99
N ARG A 248 -24.57 -7.65 8.07
CA ARG A 248 -26.00 -7.31 7.86
C ARG A 248 -26.79 -8.62 7.69
N PRO A 249 -28.04 -8.70 8.21
CA PRO A 249 -28.93 -9.79 7.87
C PRO A 249 -29.19 -9.83 6.36
N GLY A 250 -29.02 -10.98 5.71
CA GLY A 250 -29.44 -11.20 4.32
C GLY A 250 -30.96 -11.03 4.16
N GLU A 251 -31.44 -10.92 2.93
CA GLU A 251 -32.89 -10.70 2.69
C GLU A 251 -33.66 -11.82 3.38
N PHE A 252 -34.72 -11.47 4.12
CA PHE A 252 -35.68 -12.41 4.76
C PHE A 252 -35.00 -13.18 5.90
N GLU A 253 -33.77 -12.84 6.29
CA GLU A 253 -33.09 -13.52 7.41
C GLU A 253 -33.41 -12.78 8.71
N GLN A 254 -33.64 -13.52 9.80
CA GLN A 254 -34.09 -12.88 11.04
C GLN A 254 -32.91 -12.13 11.67
N PHE A 255 -31.70 -12.71 11.61
CA PHE A 255 -30.56 -12.27 12.45
C PHE A 255 -29.35 -11.86 11.62
N GLU A 256 -28.66 -10.86 12.15
CA GLU A 256 -27.31 -10.44 11.75
C GLU A 256 -26.40 -11.65 11.95
N SER A 257 -25.20 -11.67 11.40
CA SER A 257 -24.27 -12.79 11.68
C SER A 257 -22.88 -12.23 12.03
N THR A 258 -22.29 -12.70 13.13
CA THR A 258 -20.99 -12.20 13.66
C THR A 258 -19.94 -13.23 13.27
N ILE A 259 -18.82 -12.83 12.64
CA ILE A 259 -17.77 -13.82 12.20
C ILE A 259 -16.46 -13.42 12.89
N GLY A 260 -15.83 -14.42 13.48
CA GLY A 260 -14.73 -14.31 14.46
C GLY A 260 -13.46 -14.94 13.95
N PHE A 261 -12.32 -14.28 14.19
CA PHE A 261 -11.00 -14.83 13.82
C PHE A 261 -10.01 -14.66 14.97
N LYS A 262 -9.00 -15.52 14.99
CA LYS A 262 -7.88 -15.51 15.96
C LYS A 262 -6.67 -14.83 15.34
N LEU A 263 -6.14 -13.81 16.00
CA LEU A 263 -4.92 -13.11 15.48
C LEU A 263 -3.71 -13.53 16.32
N PRO A 264 -2.49 -13.31 15.80
CA PRO A 264 -1.24 -13.71 16.47
C PRO A 264 -1.13 -13.26 17.93
N ASN A 265 -1.67 -12.09 18.25
CA ASN A 265 -1.69 -11.51 19.61
C ASN A 265 -2.70 -10.38 19.63
N HIS A 266 -2.82 -9.69 20.74
CA HIS A 266 -3.86 -8.66 20.96
C HIS A 266 -3.60 -7.40 20.12
N ARG A 267 -2.33 -7.04 19.95
CA ARG A 267 -1.95 -5.84 19.18
C ARG A 267 -2.23 -6.08 17.70
N ALA A 268 -2.05 -7.32 17.22
CA ALA A 268 -2.36 -7.69 15.82
C ALA A 268 -3.88 -7.67 15.59
N ALA A 269 -4.69 -8.02 16.60
CA ALA A 269 -6.16 -7.90 16.48
C ALA A 269 -6.54 -6.41 16.43
N LYS A 270 -5.92 -5.57 17.24
CA LYS A 270 -6.25 -4.14 17.30
C LYS A 270 -5.87 -3.47 15.97
N ARG A 271 -4.67 -3.76 15.45
CA ARG A 271 -4.18 -3.20 14.16
C ARG A 271 -5.15 -3.60 13.04
N LEU A 272 -5.60 -4.85 13.02
CA LEU A 272 -6.51 -5.32 11.95
C LEU A 272 -7.84 -4.58 12.05
N TRP A 273 -8.38 -4.47 13.27
CA TRP A 273 -9.62 -3.70 13.54
C TRP A 273 -9.43 -2.27 13.03
N LYS A 274 -8.33 -1.59 13.37
CA LYS A 274 -8.16 -0.16 13.03
C LYS A 274 -8.12 -0.01 11.50
N VAL A 275 -7.36 -0.84 10.80
CA VAL A 275 -7.22 -0.66 9.32
C VAL A 275 -8.55 -1.00 8.64
N CYS A 276 -9.31 -1.95 9.16
CA CYS A 276 -10.65 -2.28 8.61
C CYS A 276 -11.59 -1.09 8.79
N VAL A 277 -11.67 -0.54 10.00
CA VAL A 277 -12.53 0.64 10.27
C VAL A 277 -12.13 1.75 9.32
N GLU A 278 -10.82 1.97 9.16
CA GLU A 278 -10.35 3.10 8.33
C GLU A 278 -10.73 2.87 6.86
N HIS A 279 -10.53 1.65 6.34
CA HIS A 279 -10.91 1.29 4.95
C HIS A 279 -12.42 1.45 4.77
N HIS A 280 -13.19 0.92 5.73
CA HIS A 280 -14.69 0.97 5.69
C HIS A 280 -15.13 2.41 5.53
N THR A 281 -14.57 3.30 6.35
CA THR A 281 -14.90 4.75 6.33
C THR A 281 -14.46 5.35 4.99
N PHE A 282 -13.24 5.08 4.57
CA PHE A 282 -12.66 5.78 3.41
C PHE A 282 -13.48 5.39 2.17
N PHE A 283 -13.74 4.10 2.04
CA PHE A 283 -14.27 3.51 0.78
C PHE A 283 -15.79 3.45 0.84
N ARG A 284 -16.39 3.84 1.97
CA ARG A 284 -17.81 4.30 2.07
C ARG A 284 -17.99 5.69 1.43
N LEU A 285 -17.02 6.62 1.59
CA LEU A 285 -17.19 8.05 1.22
C LEU A 285 -16.68 8.31 -0.20
N LEU A 286 -15.66 7.53 -0.62
CA LEU A 286 -14.80 7.85 -1.79
C LEU A 286 -15.70 8.27 -2.95
#